data_8D90
#
_entry.id   8D90
#
_cell.length_a   45.316
_cell.length_b   81.710
_cell.length_c   80.576
_cell.angle_alpha   90.000
_cell.angle_beta   98.990
_cell.angle_gamma   90.000
#
_symmetry.space_group_name_H-M   'P 1 21 1'
#
loop_
_entity.id
_entity.type
_entity.pdbx_description
1 polymer ChoE
2 non-polymer GLYCEROL
3 non-polymer 'BROMIDE ION'
4 water water
#
_entity_poly.entity_id   1
_entity_poly.type   'polypeptide(L)'
_entity_poly.pdbx_seq_one_letter_code
;HTSPLLAPVRQIHAFGDSYSDNGESQRLTREMLAKGIAGAQALPGEVYWQGRWSNGPTAVEVLARQLGAQLADHAVGGAK
SGADNYYGWMSAYRHTGLAGQVDAYLATLDGKPVDGQALHFIFVSAADFFEHEDFAGEQPLEQLAGSSVANIRAAVQRLG
EAGARRFLVVSSTDLSVVPAVVAGNRVERAQRYLQAVNASLPIQLAALRKTRGLELSWFDHLTFSRHLRRNPARYGLVEL
DAPCQPTQPSVRPACANPDQYYFWDEWHPTRRVHQLAGEAMAARYAR
;
_entity_poly.pdbx_strand_id   A,B
#
loop_
_chem_comp.id
_chem_comp.type
_chem_comp.name
_chem_comp.formula
BR non-polymer 'BROMIDE ION' 'Br -1'
GOL non-polymer GLYCEROL 'C3 H8 O3'
#
# COMPACT_ATOMS: atom_id res chain seq x y z
N HIS A 1 -3.58 19.71 20.72
CA HIS A 1 -3.97 19.77 19.27
C HIS A 1 -3.48 18.50 18.54
N THR A 2 -4.37 17.76 17.88
CA THR A 2 -4.01 16.53 17.13
C THR A 2 -3.00 16.88 16.01
N SER A 3 -2.17 15.90 15.64
CA SER A 3 -1.17 16.00 14.55
C SER A 3 -1.74 15.33 13.29
N PRO A 4 -1.12 15.50 12.10
CA PRO A 4 -1.66 14.93 10.88
C PRO A 4 -1.81 13.41 11.00
N LEU A 5 -2.83 12.88 10.35
CA LEU A 5 -3.05 11.44 10.28
C LEU A 5 -1.92 10.78 9.49
N LEU A 6 -1.59 9.56 9.90
CA LEU A 6 -0.58 8.73 9.22
C LEU A 6 -1.16 8.26 7.89
N ALA A 7 -0.31 7.74 7.03
CA ALA A 7 -0.68 7.39 5.65
C ALA A 7 -1.54 6.15 5.74
N PRO A 8 -2.40 5.91 4.73
CA PRO A 8 -3.21 4.70 4.72
C PRO A 8 -2.43 3.38 4.81
N VAL A 9 -3.19 2.36 5.18
CA VAL A 9 -2.68 0.98 5.36
C VAL A 9 -3.50 0.07 4.46
N ARG A 10 -2.81 -0.78 3.71
CA ARG A 10 -3.43 -1.79 2.81
C ARG A 10 -3.08 -3.21 3.25
N GLN A 11 -2.04 -3.37 4.08
CA GLN A 11 -1.69 -4.70 4.62
C GLN A 11 -1.26 -4.56 6.07
N ILE A 12 -1.84 -5.38 6.92
CA ILE A 12 -1.41 -5.52 8.33
C ILE A 12 -0.79 -6.91 8.55
N HIS A 13 0.35 -6.92 9.24
CA HIS A 13 0.90 -8.15 9.87
C HIS A 13 0.74 -8.00 11.37
N ALA A 14 -0.10 -8.83 11.95
CA ALA A 14 -0.45 -8.77 13.39
C ALA A 14 0.31 -9.85 14.14
N PHE A 15 0.89 -9.44 15.25
CA PHE A 15 1.65 -10.30 16.18
C PHE A 15 1.05 -10.06 17.56
N GLY A 16 0.78 -11.13 18.29
CA GLY A 16 0.23 -11.00 19.65
C GLY A 16 -0.40 -12.26 20.18
N ASP A 17 -1.48 -12.07 20.93
CA ASP A 17 -1.96 -13.03 21.94
C ASP A 17 -3.44 -13.29 21.67
N SER A 18 -4.16 -13.73 22.69
CA SER A 18 -5.60 -14.06 22.63
C SER A 18 -6.41 -12.80 22.34
N TYR A 19 -5.86 -11.58 22.58
CA TYR A 19 -6.60 -10.33 22.25
C TYR A 19 -6.54 -10.01 20.75
N SER A 20 -5.80 -10.77 19.94
CA SER A 20 -5.71 -10.53 18.48
C SER A 20 -6.02 -11.79 17.66
N ASP A 21 -5.67 -12.96 18.17
CA ASP A 21 -5.75 -14.28 17.45
C ASP A 21 -7.09 -14.41 16.69
N ASN A 22 -7.04 -14.66 15.39
CA ASN A 22 -8.28 -14.82 14.59
C ASN A 22 -8.40 -16.24 14.05
N GLY A 23 -7.68 -17.19 14.64
CA GLY A 23 -7.78 -18.62 14.29
C GLY A 23 -6.48 -19.41 14.40
N GLU A 24 -5.34 -18.78 14.71
CA GLU A 24 -4.05 -19.54 14.79
C GLU A 24 -4.06 -20.57 15.94
N SER A 25 -4.45 -20.22 17.17
CA SER A 25 -4.36 -21.19 18.29
C SER A 25 -5.26 -22.39 17.94
N GLN A 26 -6.39 -22.14 17.29
CA GLN A 26 -7.31 -23.22 16.83
C GLN A 26 -6.62 -24.12 15.81
N ARG A 27 -6.09 -23.53 14.76
CA ARG A 27 -5.36 -24.28 13.70
C ARG A 27 -4.18 -25.04 14.31
N LEU A 28 -3.40 -24.36 15.15
CA LEU A 28 -2.18 -24.97 15.73
C LEU A 28 -2.52 -26.12 16.68
N THR A 29 -3.50 -25.95 17.58
CA THR A 29 -3.79 -26.99 18.59
C THR A 29 -4.41 -28.22 17.89
N ARG A 30 -5.13 -28.01 16.80
CA ARG A 30 -5.70 -29.14 16.01
C ARG A 30 -4.55 -29.90 15.34
N GLU A 31 -3.55 -29.19 14.83
CA GLU A 31 -2.34 -29.84 14.27
C GLU A 31 -1.61 -30.62 15.38
N MET A 32 -1.47 -30.02 16.56
CA MET A 32 -0.77 -30.66 17.70
C MET A 32 -1.59 -31.88 18.16
N LEU A 33 -2.92 -31.76 18.18
CA LEU A 33 -3.76 -32.91 18.61
C LEU A 33 -3.58 -34.04 17.58
N ALA A 34 -3.62 -33.73 16.28
CA ALA A 34 -3.51 -34.72 15.20
C ALA A 34 -2.18 -35.47 15.26
N LYS A 35 -1.14 -34.84 15.81
CA LYS A 35 0.21 -35.41 15.95
C LYS A 35 0.40 -36.01 17.35
N GLY A 36 -0.64 -36.08 18.18
CA GLY A 36 -0.51 -36.57 19.57
C GLY A 36 0.56 -35.84 20.35
N ILE A 37 0.68 -34.53 20.24
CA ILE A 37 1.61 -33.76 21.13
C ILE A 37 1.15 -33.91 22.58
N ALA A 38 2.11 -34.18 23.48
CA ALA A 38 1.81 -34.42 24.91
C ALA A 38 1.20 -33.15 25.49
N GLY A 39 0.03 -33.27 26.09
CA GLY A 39 -0.66 -32.21 26.86
C GLY A 39 -1.52 -31.31 26.01
N ALA A 40 -1.51 -31.49 24.68
CA ALA A 40 -2.33 -30.69 23.75
C ALA A 40 -3.80 -30.67 24.17
N GLN A 41 -4.41 -29.50 24.03
CA GLN A 41 -5.85 -29.24 24.24
CA GLN A 41 -5.86 -29.27 24.24
C GLN A 41 -6.39 -28.49 23.04
N ALA A 42 -7.65 -28.72 22.64
CA ALA A 42 -8.31 -27.91 21.60
C ALA A 42 -8.55 -26.52 22.18
N LEU A 43 -7.85 -25.51 21.65
CA LEU A 43 -8.05 -24.09 22.03
C LEU A 43 -8.69 -23.34 20.85
N PRO A 44 -9.48 -22.27 21.09
CA PRO A 44 -9.84 -21.86 22.46
C PRO A 44 -10.93 -22.72 23.11
N GLY A 45 -11.67 -23.48 22.32
CA GLY A 45 -12.73 -24.39 22.78
C GLY A 45 -14.09 -24.01 22.22
N GLU A 46 -15.14 -24.63 22.74
CA GLU A 46 -16.47 -24.69 22.07
C GLU A 46 -17.26 -23.38 22.27
N VAL A 47 -17.11 -22.72 23.41
CA VAL A 47 -17.93 -21.52 23.75
C VAL A 47 -17.31 -20.25 23.12
N TYR A 48 -16.51 -20.37 22.07
CA TYR A 48 -15.85 -19.21 21.41
C TYR A 48 -16.26 -19.16 19.94
N TRP A 49 -16.19 -17.98 19.33
CA TRP A 49 -16.65 -17.72 17.93
C TRP A 49 -15.52 -17.97 16.92
N GLN A 50 -15.66 -19.04 16.13
CA GLN A 50 -14.80 -19.29 14.95
C GLN A 50 -13.32 -19.17 15.34
N GLY A 51 -12.94 -19.74 16.48
CA GLY A 51 -11.54 -19.82 16.92
C GLY A 51 -11.02 -18.51 17.52
N ARG A 52 -11.81 -17.45 17.55
CA ARG A 52 -11.40 -16.22 18.30
C ARG A 52 -11.58 -16.49 19.81
N TRP A 53 -10.77 -15.87 20.67
CA TRP A 53 -10.96 -15.99 22.14
C TRP A 53 -11.99 -14.95 22.58
N SER A 54 -13.17 -15.01 22.00
CA SER A 54 -14.26 -14.01 22.14
C SER A 54 -15.48 -14.56 21.41
N ASN A 55 -16.55 -13.78 21.34
CA ASN A 55 -17.82 -14.12 20.66
C ASN A 55 -17.86 -13.41 19.29
N GLY A 56 -16.73 -12.88 18.82
CA GLY A 56 -16.64 -12.20 17.52
C GLY A 56 -15.21 -11.81 17.17
N PRO A 57 -15.06 -11.05 16.07
CA PRO A 57 -13.77 -10.58 15.61
C PRO A 57 -12.99 -9.80 16.67
N THR A 58 -11.68 -9.94 16.63
CA THR A 58 -10.82 -9.22 17.60
C THR A 58 -10.61 -7.80 17.10
N ALA A 59 -10.02 -6.96 17.96
CA ALA A 59 -9.75 -5.54 17.64
C ALA A 59 -9.00 -5.38 16.32
N VAL A 60 -7.93 -6.12 16.10
CA VAL A 60 -7.07 -5.92 14.90
C VAL A 60 -7.88 -6.27 13.63
N GLU A 61 -8.81 -7.21 13.71
CA GLU A 61 -9.67 -7.56 12.56
C GLU A 61 -10.56 -6.36 12.23
N VAL A 62 -11.09 -5.70 13.24
CA VAL A 62 -11.95 -4.50 13.04
C VAL A 62 -11.07 -3.37 12.50
N LEU A 63 -9.86 -3.22 13.03
CA LEU A 63 -8.88 -2.19 12.57
C LEU A 63 -8.66 -2.37 11.06
N ALA A 64 -8.37 -3.60 10.61
CA ALA A 64 -8.09 -3.86 9.18
C ALA A 64 -9.30 -3.41 8.35
N ARG A 65 -10.49 -3.80 8.77
CA ARG A 65 -11.76 -3.44 8.08
C ARG A 65 -11.87 -1.92 8.02
N GLN A 66 -11.70 -1.25 9.14
CA GLN A 66 -11.79 0.22 9.20
C GLN A 66 -10.81 0.85 8.21
N LEU A 67 -9.58 0.33 8.13
CA LEU A 67 -8.51 1.00 7.36
C LEU A 67 -8.54 0.60 5.89
N GLY A 68 -9.28 -0.44 5.54
CA GLY A 68 -9.32 -1.01 4.18
C GLY A 68 -8.03 -1.78 3.93
N ALA A 69 -7.60 -2.57 4.90
CA ALA A 69 -6.34 -3.35 4.82
C ALA A 69 -6.66 -4.84 4.82
N GLN A 70 -5.81 -5.61 4.16
CA GLN A 70 -5.74 -7.07 4.29
C GLN A 70 -5.01 -7.36 5.59
N LEU A 71 -5.37 -8.45 6.26
CA LEU A 71 -4.80 -8.81 7.57
C LEU A 71 -4.15 -10.18 7.48
N ALA A 72 -2.86 -10.29 7.79
CA ALA A 72 -2.22 -11.57 8.14
C ALA A 72 -2.04 -11.56 9.66
N ASP A 73 -2.84 -12.37 10.33
CA ASP A 73 -2.92 -12.35 11.80
C ASP A 73 -2.15 -13.56 12.35
N HIS A 74 -0.93 -13.33 12.82
CA HIS A 74 0.01 -14.38 13.33
C HIS A 74 -0.20 -14.62 14.82
N ALA A 75 -1.05 -13.82 15.46
CA ALA A 75 -1.23 -13.87 16.92
C ALA A 75 -1.76 -15.25 17.32
N VAL A 76 -1.34 -15.70 18.49
CA VAL A 76 -1.69 -17.02 19.06
C VAL A 76 -2.13 -16.77 20.48
N GLY A 77 -3.34 -17.22 20.84
CA GLY A 77 -3.78 -17.21 22.24
C GLY A 77 -2.69 -17.77 23.14
N GLY A 78 -2.43 -17.09 24.24
CA GLY A 78 -1.42 -17.46 25.25
C GLY A 78 -0.02 -16.96 24.93
N ALA A 79 0.19 -16.33 23.77
CA ALA A 79 1.55 -15.95 23.30
C ALA A 79 2.17 -15.00 24.33
N LYS A 80 3.37 -15.30 24.81
CA LYS A 80 4.15 -14.36 25.67
C LYS A 80 4.94 -13.41 24.79
N SER A 81 5.59 -12.42 25.40
CA SER A 81 6.40 -11.42 24.67
C SER A 81 7.68 -12.09 24.15
N GLY A 82 8.15 -13.15 24.77
CA GLY A 82 9.33 -13.91 24.30
C GLY A 82 8.97 -14.98 23.27
N ALA A 83 9.67 -16.11 23.32
CA ALA A 83 9.62 -17.20 22.32
C ALA A 83 8.36 -18.06 22.50
N ASP A 84 7.85 -18.18 23.72
CA ASP A 84 6.92 -19.30 24.04
C ASP A 84 5.58 -18.77 24.54
N ASN A 85 4.75 -19.72 25.00
CA ASN A 85 3.31 -19.57 25.23
C ASN A 85 3.03 -19.90 26.71
N TYR A 86 2.08 -19.23 27.32
CA TYR A 86 1.40 -19.65 28.56
C TYR A 86 1.23 -21.18 28.59
N TYR A 87 0.76 -21.74 27.48
CA TYR A 87 0.59 -23.20 27.28
C TYR A 87 1.98 -23.81 26.99
N GLY A 88 2.66 -24.31 28.01
CA GLY A 88 4.07 -24.71 27.92
C GLY A 88 4.24 -25.90 27.02
N TRP A 89 3.20 -26.76 26.94
CA TRP A 89 3.20 -27.98 26.08
C TRP A 89 3.29 -27.63 24.60
N MET A 90 3.09 -26.38 24.22
CA MET A 90 3.20 -25.95 22.80
C MET A 90 4.67 -25.92 22.36
N SER A 91 5.60 -25.70 23.28
CA SER A 91 7.02 -25.36 22.95
C SER A 91 7.68 -26.50 22.15
N ALA A 92 7.23 -27.75 22.37
CA ALA A 92 7.72 -28.98 21.72
C ALA A 92 7.42 -28.96 20.24
N TYR A 93 6.28 -28.42 19.85
CA TYR A 93 5.87 -28.33 18.43
C TYR A 93 6.32 -26.98 17.87
N ARG A 94 6.05 -25.86 18.57
CA ARG A 94 6.20 -24.51 17.96
C ARG A 94 6.45 -23.45 19.04
N HIS A 95 7.30 -22.48 18.73
CA HIS A 95 7.51 -21.25 19.54
C HIS A 95 6.49 -20.23 19.07
N THR A 96 5.42 -20.03 19.82
CA THR A 96 4.27 -19.23 19.40
C THR A 96 4.23 -17.89 20.13
N GLY A 97 5.23 -17.62 20.96
CA GLY A 97 5.48 -16.30 21.52
C GLY A 97 5.65 -15.25 20.43
N LEU A 98 5.60 -13.98 20.81
CA LEU A 98 5.92 -12.86 19.88
C LEU A 98 7.22 -13.16 19.13
N ALA A 99 8.29 -13.53 19.84
CA ALA A 99 9.62 -13.75 19.22
C ALA A 99 9.48 -14.87 18.16
N GLY A 100 8.69 -15.89 18.47
CA GLY A 100 8.49 -17.03 17.56
C GLY A 100 7.65 -16.65 16.38
N GLN A 101 6.64 -15.81 16.57
CA GLN A 101 5.79 -15.31 15.47
C GLN A 101 6.65 -14.48 14.52
N VAL A 102 7.54 -13.65 15.08
CA VAL A 102 8.47 -12.82 14.28
C VAL A 102 9.37 -13.75 13.44
N ASP A 103 9.98 -14.74 14.08
CA ASP A 103 10.90 -15.71 13.41
C ASP A 103 10.13 -16.36 12.26
N ALA A 104 8.89 -16.80 12.49
CA ALA A 104 8.15 -17.61 11.50
C ALA A 104 7.77 -16.70 10.32
N TYR A 105 7.36 -15.46 10.61
CA TYR A 105 7.06 -14.44 9.59
C TYR A 105 8.27 -14.26 8.66
N LEU A 106 9.44 -14.03 9.25
CA LEU A 106 10.65 -13.70 8.47
C LEU A 106 11.13 -14.95 7.75
N ALA A 107 10.89 -16.12 8.31
CA ALA A 107 11.26 -17.41 7.68
C ALA A 107 10.39 -17.65 6.45
N THR A 108 9.16 -17.14 6.42
CA THR A 108 8.20 -17.52 5.36
C THR A 108 8.11 -16.44 4.28
N LEU A 109 9.02 -15.46 4.26
CA LEU A 109 9.10 -14.44 3.19
C LEU A 109 9.59 -15.12 1.90
N ASP A 110 10.29 -16.23 2.05
CA ASP A 110 10.87 -17.04 0.93
C ASP A 110 12.02 -16.24 0.33
N GLY A 111 12.68 -15.37 1.12
CA GLY A 111 13.63 -14.37 0.63
C GLY A 111 13.02 -13.31 -0.29
N LYS A 112 11.71 -13.01 -0.20
CA LYS A 112 11.08 -11.78 -0.76
C LYS A 112 11.21 -10.68 0.28
N PRO A 113 11.22 -9.39 -0.11
CA PRO A 113 11.45 -8.35 0.88
C PRO A 113 10.24 -8.23 1.82
N VAL A 114 10.47 -7.77 3.05
CA VAL A 114 9.38 -7.25 3.93
C VAL A 114 8.68 -6.14 3.15
N ASP A 115 7.34 -6.07 3.25
CA ASP A 115 6.55 -4.99 2.65
C ASP A 115 6.72 -3.71 3.49
N GLY A 116 7.45 -2.72 2.98
CA GLY A 116 7.75 -1.50 3.75
C GLY A 116 6.52 -0.64 3.98
N GLN A 117 5.44 -0.89 3.24
CA GLN A 117 4.15 -0.17 3.42
C GLN A 117 3.29 -0.88 4.46
N ALA A 118 3.62 -2.12 4.83
CA ALA A 118 2.71 -2.94 5.66
C ALA A 118 2.80 -2.48 7.11
N LEU A 119 1.68 -2.44 7.80
CA LEU A 119 1.64 -2.08 9.24
C LEU A 119 1.94 -3.34 10.06
N HIS A 120 2.99 -3.28 10.86
CA HIS A 120 3.36 -4.36 11.80
C HIS A 120 2.75 -4.03 13.17
N PHE A 121 1.72 -4.79 13.49
CA PHE A 121 0.84 -4.54 14.64
C PHE A 121 1.26 -5.50 15.75
N ILE A 122 1.63 -4.96 16.89
CA ILE A 122 2.13 -5.80 18.01
C ILE A 122 1.26 -5.55 19.23
N PHE A 123 0.66 -6.61 19.77
CA PHE A 123 -0.27 -6.53 20.92
C PHE A 123 -0.04 -7.77 21.79
N VAL A 124 0.80 -7.60 22.78
CA VAL A 124 1.29 -8.72 23.64
C VAL A 124 1.69 -8.19 25.01
N SER A 125 1.59 -9.06 26.01
CA SER A 125 2.20 -8.98 27.36
C SER A 125 1.28 -9.63 28.41
N ALA A 126 -0.03 -9.70 28.19
CA ALA A 126 -0.97 -10.22 29.21
C ALA A 126 -0.55 -11.62 29.61
N ALA A 127 -0.13 -12.47 28.65
CA ALA A 127 0.24 -13.88 28.91
C ALA A 127 1.47 -13.94 29.83
N ASP A 128 2.37 -12.95 29.75
CA ASP A 128 3.55 -12.86 30.65
C ASP A 128 3.04 -12.82 32.09
N PHE A 129 2.05 -11.96 32.31
CA PHE A 129 1.48 -11.72 33.67
C PHE A 129 0.67 -12.96 34.10
N PHE A 130 -0.22 -13.46 33.25
CA PHE A 130 -1.08 -14.63 33.59
C PHE A 130 -0.20 -15.84 33.94
N GLU A 131 0.85 -16.11 33.16
CA GLU A 131 1.73 -17.29 33.43
C GLU A 131 2.42 -17.09 34.78
N HIS A 132 2.95 -15.90 35.00
CA HIS A 132 3.65 -15.51 36.22
C HIS A 132 2.74 -15.73 37.44
N GLU A 133 1.50 -15.29 37.34
CA GLU A 133 0.55 -15.37 38.47
C GLU A 133 0.05 -16.81 38.65
N ASP A 134 -0.31 -17.50 37.57
CA ASP A 134 -0.94 -18.84 37.70
C ASP A 134 0.07 -19.87 38.16
N PHE A 135 1.33 -19.76 37.78
CA PHE A 135 2.37 -20.78 38.00
C PHE A 135 3.45 -20.23 38.94
N ALA A 136 3.08 -19.25 39.78
CA ALA A 136 3.92 -18.67 40.86
C ALA A 136 5.32 -18.34 40.35
N GLY A 137 5.43 -17.47 39.34
CA GLY A 137 6.73 -16.94 38.90
C GLY A 137 7.48 -16.36 40.08
N GLU A 138 8.80 -16.54 40.11
CA GLU A 138 9.71 -16.18 41.23
C GLU A 138 10.07 -14.69 41.17
N GLN A 139 10.22 -14.13 39.96
CA GLN A 139 10.69 -12.73 39.75
C GLN A 139 9.69 -11.74 40.32
N PRO A 140 10.20 -10.60 40.85
CA PRO A 140 9.37 -9.46 41.15
C PRO A 140 8.63 -9.04 39.87
N LEU A 141 7.48 -8.40 40.05
CA LEU A 141 6.69 -7.95 38.89
C LEU A 141 7.42 -6.88 38.10
N GLU A 142 8.17 -6.03 38.79
CA GLU A 142 8.95 -4.94 38.16
C GLU A 142 9.93 -5.57 37.16
N GLN A 143 10.56 -6.67 37.51
CA GLN A 143 11.52 -7.39 36.63
C GLN A 143 10.73 -8.00 35.47
N LEU A 144 9.56 -8.56 35.74
CA LEU A 144 8.73 -9.21 34.68
C LEU A 144 8.35 -8.13 33.68
N ALA A 145 7.91 -6.98 34.16
CA ALA A 145 7.54 -5.81 33.32
C ALA A 145 8.75 -5.41 32.46
N GLY A 146 9.93 -5.38 33.07
CA GLY A 146 11.20 -5.06 32.38
C GLY A 146 11.42 -6.02 31.23
N SER A 147 11.16 -7.32 31.46
CA SER A 147 11.40 -8.37 30.45
C SER A 147 10.38 -8.23 29.32
N SER A 148 9.13 -7.94 29.64
CA SER A 148 8.05 -7.79 28.64
C SER A 148 8.45 -6.65 27.71
N VAL A 149 8.85 -5.54 28.28
CA VAL A 149 9.20 -4.32 27.50
C VAL A 149 10.39 -4.63 26.59
N ALA A 150 11.44 -5.24 27.15
CA ALA A 150 12.66 -5.54 26.41
C ALA A 150 12.30 -6.51 25.30
N ASN A 151 11.44 -7.49 25.58
CA ASN A 151 11.01 -8.48 24.56
C ASN A 151 10.30 -7.74 23.41
N ILE A 152 9.42 -6.80 23.74
CA ILE A 152 8.63 -6.14 22.67
C ILE A 152 9.59 -5.24 21.86
N ARG A 153 10.46 -4.49 22.53
CA ARG A 153 11.43 -3.64 21.82
C ARG A 153 12.30 -4.53 20.91
N ALA A 154 12.73 -5.71 21.36
CA ALA A 154 13.59 -6.62 20.57
C ALA A 154 12.83 -7.09 19.32
N ALA A 155 11.53 -7.33 19.44
CA ALA A 155 10.66 -7.76 18.32
C ALA A 155 10.56 -6.64 17.30
N VAL A 156 10.43 -5.38 17.75
CA VAL A 156 10.28 -4.25 16.80
C VAL A 156 11.65 -4.08 16.11
N GLN A 157 12.73 -4.24 16.87
CA GLN A 157 14.09 -4.08 16.31
C GLN A 157 14.30 -5.19 15.25
N ARG A 158 13.91 -6.42 15.52
CA ARG A 158 14.16 -7.56 14.56
C ARG A 158 13.31 -7.37 13.30
N LEU A 159 12.06 -6.96 13.45
CA LEU A 159 11.20 -6.68 12.28
C LEU A 159 11.79 -5.53 11.47
N GLY A 160 12.23 -4.46 12.14
CA GLY A 160 12.81 -3.33 11.42
C GLY A 160 14.09 -3.72 10.73
N GLU A 161 14.93 -4.49 11.43
CA GLU A 161 16.19 -5.03 10.84
C GLU A 161 15.91 -5.72 9.48
N ALA A 162 14.82 -6.47 9.38
CA ALA A 162 14.42 -7.26 8.18
C ALA A 162 13.83 -6.35 7.10
N GLY A 163 13.47 -5.10 7.44
CA GLY A 163 12.92 -4.11 6.50
C GLY A 163 11.52 -3.61 6.88
N ALA A 164 10.92 -3.95 8.03
CA ALA A 164 9.66 -3.32 8.46
C ALA A 164 9.92 -1.84 8.77
N ARG A 165 8.97 -0.95 8.44
CA ARG A 165 9.11 0.52 8.60
C ARG A 165 7.95 1.06 9.44
N ARG A 166 6.81 0.38 9.42
CA ARG A 166 5.57 0.90 10.03
C ARG A 166 5.10 -0.05 11.13
N PHE A 167 4.81 0.52 12.29
CA PHE A 167 4.40 -0.26 13.48
C PHE A 167 3.23 0.43 14.19
N LEU A 168 2.37 -0.40 14.76
CA LEU A 168 1.40 0.04 15.79
C LEU A 168 1.60 -0.91 16.97
N VAL A 169 2.03 -0.36 18.08
CA VAL A 169 2.24 -1.16 19.30
C VAL A 169 1.16 -0.78 20.31
N VAL A 170 0.49 -1.81 20.81
CA VAL A 170 -0.62 -1.67 21.77
C VAL A 170 -0.02 -1.76 23.18
N SER A 171 -0.50 -0.93 24.07
CA SER A 171 -0.08 -0.95 25.50
C SER A 171 -0.60 -2.22 26.14
N SER A 172 -0.13 -2.51 27.35
CA SER A 172 -0.89 -3.38 28.26
C SER A 172 -2.35 -2.93 28.24
N THR A 173 -3.24 -3.91 28.20
CA THR A 173 -4.64 -3.70 28.59
C THR A 173 -4.75 -3.51 30.11
N ASP A 174 -5.95 -3.13 30.56
CA ASP A 174 -6.23 -3.00 32.01
C ASP A 174 -6.43 -4.39 32.62
N LEU A 175 -5.32 -5.06 32.94
CA LEU A 175 -5.31 -6.39 33.56
C LEU A 175 -6.01 -6.30 34.92
N SER A 176 -6.02 -5.11 35.54
CA SER A 176 -6.56 -4.90 36.90
C SER A 176 -8.07 -5.14 36.98
N VAL A 177 -8.81 -5.10 35.87
CA VAL A 177 -10.29 -5.30 35.90
C VAL A 177 -10.65 -6.63 35.24
N VAL A 178 -9.67 -7.45 34.89
CA VAL A 178 -9.94 -8.76 34.23
C VAL A 178 -10.64 -9.65 35.25
N PRO A 179 -11.84 -10.23 34.99
CA PRO A 179 -12.55 -10.96 36.05
C PRO A 179 -11.68 -12.00 36.77
N ALA A 180 -10.85 -12.72 36.01
CA ALA A 180 -9.93 -13.73 36.58
C ALA A 180 -8.98 -13.08 37.57
N VAL A 181 -8.54 -11.85 37.31
CA VAL A 181 -7.60 -11.16 38.21
C VAL A 181 -8.33 -10.71 39.48
N VAL A 182 -9.53 -10.20 39.32
CA VAL A 182 -10.37 -9.80 40.48
C VAL A 182 -10.61 -11.05 41.34
N ALA A 183 -11.03 -12.16 40.75
CA ALA A 183 -11.34 -13.42 41.46
C ALA A 183 -10.09 -13.97 42.17
N GLY A 184 -8.90 -13.74 41.61
CA GLY A 184 -7.62 -14.19 42.20
C GLY A 184 -7.06 -13.19 43.22
N ASN A 185 -7.81 -12.13 43.51
CA ASN A 185 -7.42 -11.09 44.48
C ASN A 185 -6.05 -10.56 44.09
N ARG A 186 -5.86 -10.28 42.80
CA ARG A 186 -4.55 -9.88 42.25
C ARG A 186 -4.62 -8.49 41.60
N VAL A 187 -5.59 -7.67 41.98
CA VAL A 187 -5.85 -6.36 41.34
C VAL A 187 -4.60 -5.47 41.51
N GLU A 188 -4.01 -5.43 42.71
CA GLU A 188 -2.87 -4.52 42.97
C GLU A 188 -1.63 -4.97 42.17
N ARG A 189 -1.42 -6.27 42.06
CA ARG A 189 -0.30 -6.87 41.27
C ARG A 189 -0.45 -6.50 39.78
N ALA A 190 -1.67 -6.64 39.24
CA ALA A 190 -2.04 -6.24 37.86
C ALA A 190 -1.77 -4.75 37.64
N GLN A 191 -2.22 -3.89 38.55
CA GLN A 191 -1.95 -2.43 38.49
C GLN A 191 -0.45 -2.18 38.37
N ARG A 192 0.34 -2.73 39.28
CA ARG A 192 1.80 -2.51 39.33
C ARG A 192 2.47 -2.94 38.01
N TYR A 193 2.17 -4.14 37.53
CA TYR A 193 2.73 -4.69 36.28
C TYR A 193 2.34 -3.80 35.12
N LEU A 194 1.04 -3.55 34.94
CA LEU A 194 0.59 -2.81 33.73
C LEU A 194 1.13 -1.37 33.75
N GLN A 195 1.23 -0.73 34.92
CA GLN A 195 1.73 0.66 35.02
CA GLN A 195 1.73 0.66 35.03
C GLN A 195 3.22 0.67 34.64
N ALA A 196 3.99 -0.32 35.13
CA ALA A 196 5.42 -0.47 34.82
C ALA A 196 5.63 -0.68 33.31
N VAL A 197 4.88 -1.61 32.69
CA VAL A 197 4.94 -1.81 31.22
C VAL A 197 4.54 -0.53 30.49
N ASN A 198 3.42 0.10 30.84
CA ASN A 198 2.86 1.23 30.05
C ASN A 198 3.69 2.51 30.28
N ALA A 199 4.43 2.65 31.37
CA ALA A 199 5.36 3.80 31.56
C ALA A 199 6.62 3.60 30.70
N SER A 200 7.18 2.41 30.65
CA SER A 200 8.51 2.17 30.04
C SER A 200 8.41 1.95 28.53
N LEU A 201 7.43 1.17 28.07
CA LEU A 201 7.43 0.70 26.66
C LEU A 201 7.39 1.87 25.68
N PRO A 202 6.57 2.93 25.84
CA PRO A 202 6.56 3.99 24.83
C PRO A 202 7.88 4.77 24.81
N ILE A 203 8.58 4.83 25.94
CA ILE A 203 9.90 5.51 26.01
C ILE A 203 10.94 4.69 25.25
N GLN A 204 10.95 3.39 25.48
CA GLN A 204 11.86 2.45 24.80
C GLN A 204 11.55 2.51 23.31
N LEU A 205 10.29 2.55 22.90
CA LEU A 205 9.99 2.48 21.44
C LEU A 205 10.28 3.85 20.78
N ALA A 206 10.08 4.96 21.50
CA ALA A 206 10.40 6.31 20.98
C ALA A 206 11.84 6.34 20.48
N ALA A 207 12.76 5.81 21.28
CA ALA A 207 14.21 5.76 20.97
C ALA A 207 14.45 4.98 19.68
N LEU A 208 13.82 3.81 19.56
CA LEU A 208 13.95 2.94 18.37
C LEU A 208 13.29 3.60 17.17
N ARG A 209 12.11 4.20 17.35
CA ARG A 209 11.44 4.94 16.25
C ARG A 209 12.43 5.99 15.70
N LYS A 210 13.12 6.73 16.55
CA LYS A 210 13.98 7.84 16.07
C LYS A 210 15.24 7.28 15.39
N THR A 211 15.95 6.36 16.04
CA THR A 211 17.20 5.78 15.47
C THR A 211 16.93 5.22 14.08
N ARG A 212 15.87 4.45 13.90
CA ARG A 212 15.64 3.71 12.64
C ARG A 212 14.74 4.52 11.68
N GLY A 213 14.24 5.70 12.06
CA GLY A 213 13.27 6.46 11.24
C GLY A 213 12.02 5.64 11.02
N LEU A 214 11.49 5.02 12.06
CA LEU A 214 10.28 4.20 11.89
C LEU A 214 9.07 5.12 11.94
N GLU A 215 7.98 4.66 11.35
CA GLU A 215 6.63 5.16 11.67
C GLU A 215 6.06 4.24 12.76
N LEU A 216 6.03 4.71 13.98
CA LEU A 216 5.60 3.82 15.09
C LEU A 216 4.52 4.51 15.91
N SER A 217 3.31 3.98 15.89
CA SER A 217 2.20 4.58 16.65
C SER A 217 1.93 3.71 17.87
N TRP A 218 1.55 4.35 18.96
CA TRP A 218 1.36 3.73 20.30
C TRP A 218 -0.14 3.78 20.56
N PHE A 219 -0.80 2.66 20.85
CA PHE A 219 -2.24 2.70 21.18
C PHE A 219 -2.36 2.46 22.67
N ASP A 220 -2.89 3.43 23.39
CA ASP A 220 -3.03 3.39 24.86
C ASP A 220 -4.37 2.71 25.18
N HIS A 221 -4.36 1.39 25.33
CA HIS A 221 -5.58 0.57 25.56
C HIS A 221 -6.15 0.91 26.94
N LEU A 222 -5.30 1.26 27.91
CA LEU A 222 -5.74 1.58 29.27
C LEU A 222 -6.60 2.85 29.22
N THR A 223 -6.18 3.89 28.50
CA THR A 223 -6.97 5.13 28.39
C THR A 223 -8.28 4.80 27.67
N PHE A 224 -8.20 4.03 26.60
CA PHE A 224 -9.38 3.55 25.86
C PHE A 224 -10.40 2.88 26.81
N SER A 225 -9.95 1.94 27.63
CA SER A 225 -10.87 1.14 28.47
C SER A 225 -11.39 2.00 29.62
N ARG A 226 -10.55 2.89 30.15
CA ARG A 226 -11.03 3.81 31.21
C ARG A 226 -12.23 4.62 30.70
N HIS A 227 -12.15 5.12 29.47
CA HIS A 227 -13.20 5.96 28.85
C HIS A 227 -14.49 5.14 28.67
N LEU A 228 -14.41 3.90 28.17
CA LEU A 228 -15.58 3.00 28.07
C LEU A 228 -16.18 2.77 29.46
N ARG A 229 -15.32 2.44 30.43
CA ARG A 229 -15.82 1.92 31.74
C ARG A 229 -16.35 3.08 32.61
N ARG A 230 -15.94 4.31 32.33
CA ARG A 230 -16.42 5.51 33.06
C ARG A 230 -17.82 5.92 32.54
N ASN A 231 -18.08 5.70 31.26
CA ASN A 231 -19.34 6.15 30.60
C ASN A 231 -19.95 4.99 29.83
N PRO A 232 -20.26 3.83 30.45
CA PRO A 232 -20.69 2.67 29.66
C PRO A 232 -21.99 2.87 28.87
N ALA A 233 -22.93 3.64 29.41
CA ALA A 233 -24.27 3.81 28.77
C ALA A 233 -24.09 4.45 27.39
N ARG A 234 -23.18 5.42 27.27
CA ARG A 234 -22.79 6.07 26.00
C ARG A 234 -22.54 5.04 24.90
N TYR A 235 -21.99 3.87 25.25
CA TYR A 235 -21.49 2.83 24.32
C TYR A 235 -22.48 1.66 24.31
N GLY A 236 -23.61 1.82 25.01
CA GLY A 236 -24.58 0.73 25.16
C GLY A 236 -24.09 -0.42 26.01
N LEU A 237 -23.13 -0.21 26.90
CA LEU A 237 -22.64 -1.29 27.81
C LEU A 237 -23.41 -1.21 29.13
N VAL A 238 -23.71 -2.37 29.72
CA VAL A 238 -24.46 -2.46 31.00
C VAL A 238 -23.62 -3.22 32.02
N GLU A 239 -22.95 -4.30 31.64
CA GLU A 239 -22.25 -5.19 32.61
C GLU A 239 -20.74 -5.11 32.35
N LEU A 240 -20.03 -4.53 33.31
CA LEU A 240 -18.59 -4.21 33.15
C LEU A 240 -17.73 -5.31 33.78
N ASP A 241 -18.30 -6.17 34.62
CA ASP A 241 -17.49 -7.08 35.48
C ASP A 241 -17.84 -8.56 35.25
N ALA A 242 -19.10 -8.89 35.07
CA ALA A 242 -19.53 -10.31 35.00
C ALA A 242 -19.24 -10.82 33.60
N PRO A 243 -18.58 -11.97 33.43
CA PRO A 243 -18.44 -12.55 32.09
C PRO A 243 -19.82 -12.91 31.52
N CYS A 244 -20.07 -12.60 30.25
CA CYS A 244 -21.26 -13.08 29.49
C CYS A 244 -21.27 -14.62 29.45
N GLN A 245 -20.10 -15.23 29.23
CA GLN A 245 -19.88 -16.70 29.10
C GLN A 245 -18.94 -17.17 30.20
N PRO A 246 -19.43 -17.46 31.43
CA PRO A 246 -18.60 -18.05 32.46
C PRO A 246 -18.00 -19.39 31.99
N THR A 247 -16.73 -19.64 32.32
CA THR A 247 -16.05 -20.94 32.11
C THR A 247 -15.45 -21.48 33.42
N GLN A 248 -15.45 -20.72 34.52
CA GLN A 248 -14.70 -21.06 35.76
C GLN A 248 -15.61 -20.96 36.98
N PRO A 249 -15.65 -21.97 37.87
CA PRO A 249 -14.94 -23.24 37.69
C PRO A 249 -15.44 -24.13 36.53
N SER A 250 -16.62 -23.87 35.97
CA SER A 250 -17.13 -24.64 34.81
C SER A 250 -18.00 -23.76 33.89
N VAL A 251 -18.23 -24.24 32.67
CA VAL A 251 -19.06 -23.54 31.65
C VAL A 251 -20.49 -23.42 32.19
N ARG A 252 -21.06 -22.22 32.13
CA ARG A 252 -22.50 -21.96 32.36
C ARG A 252 -23.05 -21.30 31.11
N PRO A 253 -24.39 -21.18 30.95
CA PRO A 253 -24.98 -20.69 29.70
C PRO A 253 -24.66 -19.21 29.48
N ALA A 254 -24.46 -18.81 28.21
CA ALA A 254 -24.12 -17.42 27.84
C ALA A 254 -25.28 -16.48 28.20
N CYS A 255 -24.96 -15.26 28.56
CA CYS A 255 -25.92 -14.16 28.79
C CYS A 255 -26.67 -13.86 27.49
N ALA A 256 -27.83 -13.20 27.57
CA ALA A 256 -28.79 -12.99 26.45
C ALA A 256 -28.35 -11.82 25.58
N ASN A 257 -27.64 -10.84 26.14
CA ASN A 257 -27.40 -9.52 25.52
C ASN A 257 -25.90 -9.24 25.50
N PRO A 258 -25.08 -10.09 24.84
CA PRO A 258 -23.62 -9.97 24.88
C PRO A 258 -23.06 -8.62 24.43
N ASP A 259 -23.79 -7.86 23.61
CA ASP A 259 -23.30 -6.55 23.13
C ASP A 259 -23.39 -5.51 24.25
N GLN A 260 -24.01 -5.83 25.38
CA GLN A 260 -24.08 -4.95 26.56
C GLN A 260 -23.04 -5.38 27.60
N TYR A 261 -22.23 -6.40 27.29
CA TYR A 261 -21.20 -6.98 28.21
C TYR A 261 -19.81 -6.53 27.75
N TYR A 262 -18.99 -6.17 28.72
CA TYR A 262 -17.57 -5.85 28.52
C TYR A 262 -16.82 -7.17 28.31
N PHE A 263 -17.01 -8.17 29.21
CA PHE A 263 -16.18 -9.40 29.20
C PHE A 263 -17.01 -10.52 28.59
N TRP A 264 -16.38 -11.28 27.71
CA TRP A 264 -16.96 -12.52 27.17
C TRP A 264 -16.76 -13.62 28.21
N ASP A 265 -15.51 -13.95 28.51
CA ASP A 265 -15.12 -14.95 29.55
C ASP A 265 -14.33 -14.22 30.67
N GLU A 266 -13.55 -14.95 31.45
CA GLU A 266 -12.88 -14.37 32.64
C GLU A 266 -11.63 -13.58 32.23
N TRP A 267 -11.27 -13.55 30.96
CA TRP A 267 -9.99 -12.89 30.55
C TRP A 267 -10.21 -11.96 29.36
N HIS A 268 -11.23 -12.20 28.56
CA HIS A 268 -11.28 -11.63 27.18
C HIS A 268 -12.53 -10.80 27.01
N PRO A 269 -12.39 -9.64 26.33
CA PRO A 269 -13.53 -8.77 26.06
C PRO A 269 -14.39 -9.40 24.96
N THR A 270 -15.63 -8.94 24.92
CA THR A 270 -16.65 -9.33 23.92
C THR A 270 -16.32 -8.71 22.58
N ARG A 271 -17.00 -9.18 21.54
CA ARG A 271 -16.88 -8.56 20.20
C ARG A 271 -17.24 -7.07 20.24
N ARG A 272 -18.13 -6.65 21.13
CA ARG A 272 -18.57 -5.25 21.18
C ARG A 272 -17.39 -4.38 21.62
N VAL A 273 -16.68 -4.79 22.65
CA VAL A 273 -15.48 -4.04 23.11
C VAL A 273 -14.37 -4.14 22.06
N HIS A 274 -14.17 -5.29 21.43
CA HIS A 274 -13.18 -5.48 20.34
C HIS A 274 -13.49 -4.51 19.19
N GLN A 275 -14.77 -4.29 18.88
CA GLN A 275 -15.21 -3.36 17.80
CA GLN A 275 -15.22 -3.37 17.82
C GLN A 275 -14.81 -1.93 18.19
N LEU A 276 -15.20 -1.50 19.37
CA LEU A 276 -14.85 -0.15 19.86
C LEU A 276 -13.33 0.01 19.82
N ALA A 277 -12.57 -1.02 20.21
CA ALA A 277 -11.10 -0.89 20.32
C ALA A 277 -10.50 -0.73 18.92
N GLY A 278 -10.93 -1.56 18.00
CA GLY A 278 -10.44 -1.51 16.60
C GLY A 278 -10.80 -0.20 15.94
N GLU A 279 -12.01 0.28 16.18
CA GLU A 279 -12.39 1.63 15.75
C GLU A 279 -11.45 2.66 16.40
N ALA A 280 -11.11 2.54 17.68
CA ALA A 280 -10.25 3.54 18.36
C ALA A 280 -8.82 3.41 17.83
N MET A 281 -8.39 2.20 17.51
CA MET A 281 -7.02 1.97 17.02
C MET A 281 -6.84 2.64 15.66
N ALA A 282 -7.90 2.76 14.89
CA ALA A 282 -7.85 3.31 13.52
C ALA A 282 -7.66 4.84 13.55
N ALA A 283 -7.78 5.49 14.71
CA ALA A 283 -7.91 6.96 14.83
C ALA A 283 -6.65 7.68 14.31
N ARG A 284 -5.45 7.07 14.31
CA ARG A 284 -4.22 7.79 13.90
C ARG A 284 -4.06 7.71 12.38
N TYR A 285 -4.86 6.92 11.66
CA TYR A 285 -4.60 6.56 10.25
C TYR A 285 -5.69 7.15 9.34
N ALA A 286 -5.30 7.71 8.20
CA ALA A 286 -6.22 8.03 7.09
C ALA A 286 -6.73 6.71 6.52
N ARG A 287 -7.98 6.65 6.06
CA ARG A 287 -8.51 5.43 5.42
C ARG A 287 -7.97 5.36 3.98
N HIS B 1 24.90 13.54 -4.67
CA HIS B 1 24.47 12.49 -3.65
C HIS B 1 22.96 12.25 -3.79
N THR B 2 22.55 11.01 -4.07
CA THR B 2 21.12 10.61 -4.12
C THR B 2 20.46 10.86 -2.75
N SER B 3 19.16 11.12 -2.75
CA SER B 3 18.33 11.27 -1.52
CA SER B 3 18.28 11.27 -1.55
C SER B 3 17.74 9.90 -1.19
N PRO B 4 17.12 9.73 0.01
CA PRO B 4 16.49 8.45 0.34
C PRO B 4 15.43 8.07 -0.67
N LEU B 5 15.30 6.76 -0.92
CA LEU B 5 14.26 6.24 -1.81
C LEU B 5 12.91 6.58 -1.21
N LEU B 6 11.94 6.80 -2.08
CA LEU B 6 10.53 6.96 -1.66
C LEU B 6 9.97 5.60 -1.22
N ALA B 7 8.84 5.64 -0.52
CA ALA B 7 8.18 4.47 0.09
C ALA B 7 7.69 3.60 -1.05
N PRO B 8 7.54 2.28 -0.78
CA PRO B 8 7.04 1.37 -1.78
C PRO B 8 5.65 1.76 -2.34
N VAL B 9 5.35 1.18 -3.50
CA VAL B 9 4.12 1.40 -4.28
C VAL B 9 3.46 0.05 -4.48
N ARG B 10 2.19 -0.05 -4.15
CA ARG B 10 1.41 -1.31 -4.30
C ARG B 10 0.30 -1.11 -5.32
N GLN B 11 -0.05 0.14 -5.61
CA GLN B 11 -1.05 0.49 -6.65
C GLN B 11 -0.57 1.71 -7.45
N ILE B 12 -0.63 1.57 -8.76
CA ILE B 12 -0.46 2.67 -9.74
C ILE B 12 -1.80 2.91 -10.48
N HIS B 13 -2.15 4.17 -10.56
CA HIS B 13 -3.16 4.70 -11.53
C HIS B 13 -2.39 5.50 -12.57
N ALA B 14 -2.38 5.00 -13.79
CA ALA B 14 -1.62 5.58 -14.93
C ALA B 14 -2.57 6.36 -15.85
N PHE B 15 -2.17 7.59 -16.14
CA PHE B 15 -2.87 8.56 -17.03
C PHE B 15 -1.89 8.96 -18.12
N GLY B 16 -2.30 8.92 -19.38
CA GLY B 16 -1.36 9.29 -20.45
C GLY B 16 -1.80 8.81 -21.82
N ASP B 17 -0.80 8.49 -22.65
CA ASP B 17 -0.97 8.44 -24.12
C ASP B 17 -0.49 7.08 -24.62
N SER B 18 -0.05 7.01 -25.88
CA SER B 18 0.43 5.79 -26.56
C SER B 18 1.71 5.28 -25.90
N TYR B 19 2.45 6.11 -25.17
CA TYR B 19 3.68 5.66 -24.45
C TYR B 19 3.34 4.86 -23.17
N SER B 20 2.09 4.82 -22.73
CA SER B 20 1.65 4.07 -21.52
C SER B 20 0.51 3.06 -21.82
N ASP B 21 -0.33 3.33 -22.81
CA ASP B 21 -1.59 2.57 -23.06
C ASP B 21 -1.32 1.06 -23.08
N ASN B 22 -2.05 0.27 -22.30
CA ASN B 22 -1.83 -1.20 -22.25
C ASN B 22 -3.09 -1.94 -22.68
N GLY B 23 -3.98 -1.27 -23.42
CA GLY B 23 -5.15 -1.92 -24.05
C GLY B 23 -6.37 -1.03 -24.16
N GLU B 24 -6.39 0.18 -23.58
CA GLU B 24 -7.59 1.05 -23.57
C GLU B 24 -7.97 1.49 -24.99
N SER B 25 -7.03 1.90 -25.84
CA SER B 25 -7.40 2.39 -27.18
C SER B 25 -7.99 1.22 -27.99
N GLN B 26 -7.47 0.01 -27.79
CA GLN B 26 -8.00 -1.18 -28.50
C GLN B 26 -9.41 -1.45 -28.01
N ARG B 27 -9.60 -1.52 -26.69
CA ARG B 27 -10.95 -1.80 -26.11
C ARG B 27 -11.95 -0.75 -26.59
N LEU B 28 -11.62 0.53 -26.46
CA LEU B 28 -12.52 1.66 -26.83
C LEU B 28 -12.83 1.62 -28.33
N THR B 29 -11.82 1.49 -29.22
CA THR B 29 -12.07 1.58 -30.68
C THR B 29 -12.84 0.33 -31.11
N ARG B 30 -12.64 -0.81 -30.47
CA ARG B 30 -13.48 -2.01 -30.76
C ARG B 30 -14.92 -1.71 -30.40
N GLU B 31 -15.15 -1.01 -29.29
CA GLU B 31 -16.51 -0.63 -28.85
C GLU B 31 -17.11 0.32 -29.90
N MET B 32 -16.32 1.32 -30.30
CA MET B 32 -16.75 2.39 -31.24
C MET B 32 -17.07 1.77 -32.61
N LEU B 33 -16.28 0.81 -33.08
CA LEU B 33 -16.56 0.09 -34.35
C LEU B 33 -17.85 -0.73 -34.22
N ALA B 34 -18.05 -1.46 -33.12
CA ALA B 34 -19.23 -2.30 -32.88
C ALA B 34 -20.49 -1.44 -32.84
N LYS B 35 -20.38 -0.17 -32.46
CA LYS B 35 -21.53 0.76 -32.38
C LYS B 35 -21.62 1.65 -33.62
N GLY B 36 -20.75 1.46 -34.63
CA GLY B 36 -20.71 2.26 -35.87
C GLY B 36 -20.52 3.74 -35.60
N ILE B 37 -19.66 4.12 -34.65
CA ILE B 37 -19.40 5.56 -34.36
C ILE B 37 -18.67 6.17 -35.57
N ALA B 38 -19.06 7.38 -35.95
CA ALA B 38 -18.50 8.12 -37.10
C ALA B 38 -16.99 8.27 -36.90
N GLY B 39 -16.21 7.82 -37.87
CA GLY B 39 -14.75 8.03 -37.94
C GLY B 39 -13.96 6.87 -37.35
N ALA B 40 -14.58 6.01 -36.55
CA ALA B 40 -13.89 4.96 -35.77
C ALA B 40 -12.94 4.17 -36.68
N GLN B 41 -11.70 4.02 -36.25
CA GLN B 41 -10.67 3.12 -36.83
C GLN B 41 -10.22 2.18 -35.71
N ALA B 42 -9.76 0.99 -36.05
CA ALA B 42 -9.16 0.03 -35.08
C ALA B 42 -7.76 0.54 -34.70
N LEU B 43 -7.55 0.82 -33.42
CA LEU B 43 -6.24 1.27 -32.87
C LEU B 43 -5.78 0.28 -31.81
N PRO B 44 -4.46 0.03 -31.66
CA PRO B 44 -3.44 0.67 -32.49
C PRO B 44 -3.34 0.09 -33.91
N GLY B 45 -3.93 -1.09 -34.13
CA GLY B 45 -3.89 -1.78 -35.43
C GLY B 45 -3.13 -3.09 -35.37
N GLU B 46 -2.77 -3.61 -36.54
CA GLU B 46 -2.44 -5.04 -36.77
C GLU B 46 -1.01 -5.35 -36.33
N VAL B 47 -0.05 -4.43 -36.54
CA VAL B 47 1.39 -4.72 -36.32
C VAL B 47 1.79 -4.35 -34.88
N TYR B 48 0.88 -4.50 -33.93
CA TYR B 48 1.14 -4.11 -32.51
C TYR B 48 0.96 -5.32 -31.59
N TRP B 49 1.59 -5.28 -30.42
CA TRP B 49 1.53 -6.39 -29.44
C TRP B 49 0.37 -6.18 -28.47
N GLN B 50 -0.66 -7.02 -28.58
CA GLN B 50 -1.81 -7.10 -27.63
C GLN B 50 -2.28 -5.70 -27.24
N GLY B 51 -2.44 -4.81 -28.21
CA GLY B 51 -3.12 -3.53 -27.99
C GLY B 51 -2.15 -2.45 -27.51
N ARG B 52 -0.91 -2.80 -27.18
CA ARG B 52 0.11 -1.76 -26.87
C ARG B 52 0.52 -1.08 -28.18
N TRP B 53 0.89 0.19 -28.13
CA TRP B 53 1.44 0.90 -29.30
C TRP B 53 2.94 0.61 -29.40
N SER B 54 3.29 -0.66 -29.47
CA SER B 54 4.68 -1.18 -29.40
C SER B 54 4.62 -2.69 -29.66
N ASN B 55 5.76 -3.36 -29.52
CA ASN B 55 5.88 -4.82 -29.70
C ASN B 55 5.96 -5.47 -28.31
N GLY B 56 5.59 -4.76 -27.25
CA GLY B 56 5.73 -5.28 -25.88
C GLY B 56 5.12 -4.33 -24.88
N PRO B 57 5.21 -4.67 -23.58
CA PRO B 57 4.64 -3.81 -22.53
C PRO B 57 5.27 -2.42 -22.57
N THR B 58 4.50 -1.43 -22.17
CA THR B 58 4.97 -0.05 -22.02
C THR B 58 5.74 0.13 -20.71
N ALA B 59 6.40 1.27 -20.63
CA ALA B 59 7.25 1.64 -19.49
C ALA B 59 6.47 1.42 -18.19
N VAL B 60 5.25 1.93 -18.10
CA VAL B 60 4.52 1.97 -16.81
C VAL B 60 4.20 0.53 -16.36
N GLU B 61 3.98 -0.39 -17.31
CA GLU B 61 3.72 -1.82 -16.98
C GLU B 61 4.97 -2.40 -16.33
N VAL B 62 6.12 -2.09 -16.92
CA VAL B 62 7.43 -2.57 -16.43
C VAL B 62 7.65 -1.96 -15.04
N LEU B 63 7.37 -0.67 -14.88
CA LEU B 63 7.52 0.05 -13.58
C LEU B 63 6.70 -0.69 -12.52
N ALA B 64 5.44 -1.01 -12.82
CA ALA B 64 4.53 -1.71 -11.87
C ALA B 64 5.14 -3.06 -11.47
N ARG B 65 5.65 -3.81 -12.44
CA ARG B 65 6.28 -5.13 -12.15
C ARG B 65 7.52 -4.90 -11.30
N GLN B 66 8.37 -3.95 -11.64
CA GLN B 66 9.57 -3.61 -10.85
C GLN B 66 9.18 -3.33 -9.40
N LEU B 67 8.16 -2.53 -9.17
CA LEU B 67 7.85 -1.99 -7.81
C LEU B 67 7.01 -2.97 -7.00
N GLY B 68 6.46 -4.01 -7.61
CA GLY B 68 5.53 -4.92 -6.92
C GLY B 68 4.18 -4.27 -6.76
N ALA B 69 3.72 -3.53 -7.78
CA ALA B 69 2.42 -2.81 -7.77
C ALA B 69 1.44 -3.38 -8.79
N GLN B 70 0.16 -3.30 -8.45
CA GLN B 70 -0.95 -3.46 -9.39
C GLN B 70 -1.02 -2.18 -10.21
N LEU B 71 -1.47 -2.31 -11.44
CA LEU B 71 -1.57 -1.18 -12.39
C LEU B 71 -3.00 -1.12 -12.91
N ALA B 72 -3.68 0.01 -12.67
CA ALA B 72 -4.86 0.47 -13.42
C ALA B 72 -4.37 1.53 -14.42
N ASP B 73 -4.36 1.15 -15.68
CA ASP B 73 -3.77 1.93 -16.80
C ASP B 73 -4.90 2.60 -17.58
N HIS B 74 -5.14 3.88 -17.31
CA HIS B 74 -6.22 4.70 -17.92
C HIS B 74 -5.73 5.32 -19.25
N ALA B 75 -4.45 5.17 -19.54
CA ALA B 75 -3.83 5.85 -20.69
C ALA B 75 -4.51 5.40 -22.00
N VAL B 76 -4.61 6.31 -22.94
CA VAL B 76 -5.26 6.06 -24.26
C VAL B 76 -4.32 6.61 -25.35
N GLY B 77 -3.93 5.78 -26.31
CA GLY B 77 -3.17 6.24 -27.49
C GLY B 77 -3.82 7.49 -28.07
N GLY B 78 -3.00 8.53 -28.26
CA GLY B 78 -3.39 9.81 -28.88
C GLY B 78 -3.90 10.80 -27.85
N ALA B 79 -3.94 10.44 -26.56
CA ALA B 79 -4.52 11.31 -25.52
C ALA B 79 -3.71 12.60 -25.48
N LYS B 80 -4.38 13.75 -25.50
CA LYS B 80 -3.72 15.05 -25.30
C LYS B 80 -3.71 15.36 -23.83
N SER B 81 -3.08 16.47 -23.46
CA SER B 81 -2.99 16.91 -22.05
C SER B 81 -4.32 17.47 -21.57
N GLY B 82 -5.22 17.87 -22.49
CA GLY B 82 -6.55 18.40 -22.13
C GLY B 82 -7.60 17.31 -22.16
N ALA B 83 -8.83 17.66 -22.56
CA ALA B 83 -10.01 16.76 -22.53
C ALA B 83 -9.91 15.69 -23.61
N ASP B 84 -9.34 15.96 -24.78
CA ASP B 84 -9.59 15.08 -25.94
C ASP B 84 -8.30 14.49 -26.51
N ASN B 85 -8.43 13.94 -27.71
CA ASN B 85 -7.52 12.97 -28.36
C ASN B 85 -7.09 13.53 -29.71
N TYR B 86 -5.83 13.30 -30.08
CA TYR B 86 -5.33 13.43 -31.47
C TYR B 86 -6.39 12.99 -32.47
N TYR B 87 -7.04 11.86 -32.20
CA TYR B 87 -8.16 11.33 -33.02
C TYR B 87 -9.43 12.09 -32.63
N GLY B 88 -9.75 13.15 -33.37
CA GLY B 88 -10.85 14.08 -33.03
C GLY B 88 -12.19 13.35 -32.96
N TRP B 89 -12.33 12.28 -33.74
CA TRP B 89 -13.59 11.51 -33.87
C TRP B 89 -13.92 10.77 -32.58
N MET B 90 -12.96 10.66 -31.66
CA MET B 90 -13.22 10.01 -30.35
C MET B 90 -14.10 10.92 -29.49
N SER B 91 -14.01 12.24 -29.66
CA SER B 91 -14.60 13.27 -28.77
C SER B 91 -16.10 13.00 -28.60
N ALA B 92 -16.75 12.57 -29.67
CA ALA B 92 -18.21 12.33 -29.74
C ALA B 92 -18.57 11.19 -28.79
N TYR B 93 -17.73 10.15 -28.71
CA TYR B 93 -17.97 8.93 -27.91
C TYR B 93 -17.38 9.06 -26.50
N ARG B 94 -16.17 9.61 -26.37
CA ARG B 94 -15.46 9.67 -25.06
C ARG B 94 -14.39 10.77 -25.07
N HIS B 95 -14.26 11.53 -23.97
CA HIS B 95 -13.10 12.43 -23.75
C HIS B 95 -11.94 11.59 -23.19
N THR B 96 -10.93 11.28 -24.02
CA THR B 96 -9.83 10.35 -23.65
C THR B 96 -8.49 11.07 -23.42
N GLY B 97 -8.50 12.40 -23.39
CA GLY B 97 -7.35 13.22 -23.00
C GLY B 97 -7.06 13.03 -21.53
N LEU B 98 -5.92 13.53 -21.04
CA LEU B 98 -5.57 13.45 -19.59
C LEU B 98 -6.78 13.92 -18.75
N ALA B 99 -7.38 15.05 -19.10
CA ALA B 99 -8.46 15.68 -18.30
C ALA B 99 -9.68 14.75 -18.29
N GLY B 100 -9.96 14.10 -19.41
CA GLY B 100 -11.03 13.09 -19.56
C GLY B 100 -10.75 11.87 -18.74
N GLN B 101 -9.48 11.41 -18.71
CA GLN B 101 -9.07 10.22 -17.93
C GLN B 101 -9.25 10.48 -16.44
N VAL B 102 -8.80 11.66 -15.99
CA VAL B 102 -8.97 12.14 -14.59
C VAL B 102 -10.46 12.12 -14.25
N ASP B 103 -11.30 12.74 -15.09
CA ASP B 103 -12.77 12.86 -14.89
C ASP B 103 -13.37 11.46 -14.73
N ALA B 104 -12.99 10.53 -15.59
CA ALA B 104 -13.58 9.17 -15.59
C ALA B 104 -13.11 8.43 -14.33
N TYR B 105 -11.85 8.60 -13.94
CA TYR B 105 -11.29 8.00 -12.70
C TYR B 105 -12.13 8.43 -11.49
N LEU B 106 -12.29 9.74 -11.31
CA LEU B 106 -13.02 10.33 -10.16
C LEU B 106 -14.51 9.97 -10.23
N ALA B 107 -15.07 9.78 -11.42
CA ALA B 107 -16.50 9.42 -11.57
C ALA B 107 -16.68 7.96 -11.15
N THR B 108 -15.70 7.11 -11.44
CA THR B 108 -15.69 5.67 -11.03
C THR B 108 -15.57 5.55 -9.51
N LEU B 109 -14.95 6.52 -8.84
CA LEU B 109 -14.84 6.51 -7.36
C LEU B 109 -16.23 6.84 -6.79
N ASP B 110 -16.87 7.89 -7.34
CA ASP B 110 -18.26 8.26 -6.97
C ASP B 110 -18.27 8.62 -5.47
N GLY B 111 -17.39 9.54 -5.05
CA GLY B 111 -17.38 10.10 -3.68
C GLY B 111 -16.63 9.20 -2.69
N LYS B 112 -16.33 7.96 -3.06
CA LYS B 112 -15.43 7.03 -2.31
C LYS B 112 -13.99 7.52 -2.39
N PRO B 113 -13.15 7.20 -1.39
CA PRO B 113 -11.87 7.88 -1.24
C PRO B 113 -10.85 7.44 -2.31
N VAL B 114 -10.05 8.39 -2.76
CA VAL B 114 -8.80 8.07 -3.50
C VAL B 114 -7.90 7.28 -2.54
N ASP B 115 -7.20 6.27 -3.07
CA ASP B 115 -6.18 5.50 -2.34
C ASP B 115 -4.97 6.43 -2.12
N GLY B 116 -4.80 6.98 -0.91
CA GLY B 116 -3.71 7.92 -0.61
C GLY B 116 -2.34 7.28 -0.73
N GLN B 117 -2.27 5.96 -0.85
CA GLN B 117 -0.98 5.23 -1.00
C GLN B 117 -0.70 5.00 -2.48
N ALA B 118 -1.71 5.20 -3.35
CA ALA B 118 -1.59 4.84 -4.78
C ALA B 118 -0.67 5.86 -5.44
N LEU B 119 0.16 5.41 -6.36
CA LEU B 119 1.00 6.31 -7.18
C LEU B 119 0.18 6.73 -8.42
N HIS B 120 0.00 8.06 -8.58
CA HIS B 120 -0.67 8.66 -9.75
C HIS B 120 0.39 9.07 -10.76
N PHE B 121 0.50 8.27 -11.79
CA PHE B 121 1.56 8.29 -12.82
C PHE B 121 0.98 9.10 -13.99
N ILE B 122 1.62 10.19 -14.38
CA ILE B 122 1.09 11.01 -15.51
C ILE B 122 2.19 11.09 -16.57
N PHE B 123 1.86 10.70 -17.80
CA PHE B 123 2.81 10.67 -18.93
C PHE B 123 2.07 11.09 -20.21
N VAL B 124 2.13 12.35 -20.52
CA VAL B 124 1.29 12.93 -21.63
C VAL B 124 2.02 14.17 -22.17
N SER B 125 1.77 14.50 -23.45
CA SER B 125 2.06 15.79 -24.13
C SER B 125 2.46 15.54 -25.60
N ALA B 126 2.99 14.35 -25.92
CA ALA B 126 3.43 14.06 -27.30
C ALA B 126 2.24 14.36 -28.25
N ALA B 127 1.02 13.99 -27.90
CA ALA B 127 -0.13 14.12 -28.83
C ALA B 127 -0.47 15.61 -29.05
N ASP B 128 -0.24 16.47 -28.07
CA ASP B 128 -0.43 17.92 -28.22
C ASP B 128 0.42 18.37 -29.41
N PHE B 129 1.68 17.95 -29.42
CA PHE B 129 2.67 18.31 -30.47
C PHE B 129 2.28 17.65 -31.80
N PHE B 130 2.01 16.34 -31.82
CA PHE B 130 1.70 15.60 -33.06
C PHE B 130 0.47 16.23 -33.74
N GLU B 131 -0.61 16.45 -32.99
CA GLU B 131 -1.85 17.02 -33.56
C GLU B 131 -1.53 18.41 -34.12
N HIS B 132 -0.80 19.23 -33.37
CA HIS B 132 -0.40 20.60 -33.79
C HIS B 132 0.34 20.58 -35.13
N GLU B 133 1.33 19.71 -35.27
CA GLU B 133 2.16 19.60 -36.50
C GLU B 133 1.35 18.96 -37.63
N ASP B 134 0.54 17.94 -37.32
CA ASP B 134 -0.10 17.15 -38.39
C ASP B 134 -1.28 17.92 -39.00
N PHE B 135 -1.96 18.78 -38.24
CA PHE B 135 -3.18 19.52 -38.66
C PHE B 135 -2.94 21.03 -38.57
N ALA B 136 -1.70 21.48 -38.79
CA ALA B 136 -1.34 22.91 -38.92
C ALA B 136 -2.05 23.73 -37.85
N GLY B 137 -1.81 23.45 -36.58
CA GLY B 137 -2.15 24.39 -35.50
C GLY B 137 -1.47 25.72 -35.78
N GLU B 138 -2.16 26.84 -35.56
CA GLU B 138 -1.68 28.21 -35.90
C GLU B 138 -1.03 28.85 -34.67
N GLN B 139 -1.22 28.30 -33.47
CA GLN B 139 -0.61 28.86 -32.23
C GLN B 139 0.89 28.64 -32.28
N PRO B 140 1.68 29.59 -31.77
CA PRO B 140 3.10 29.33 -31.58
C PRO B 140 3.32 28.10 -30.68
N LEU B 141 4.42 27.40 -30.89
CA LEU B 141 4.74 26.18 -30.10
C LEU B 141 4.98 26.56 -28.63
N GLU B 142 5.46 27.78 -28.38
CA GLU B 142 5.69 28.31 -27.03
C GLU B 142 4.36 28.35 -26.28
N GLN B 143 3.29 28.69 -26.98
CA GLN B 143 1.93 28.77 -26.39
C GLN B 143 1.39 27.36 -26.20
N LEU B 144 1.65 26.47 -27.16
CA LEU B 144 1.22 25.05 -27.08
C LEU B 144 1.88 24.40 -25.86
N ALA B 145 3.17 24.61 -25.65
CA ALA B 145 3.91 24.07 -24.49
C ALA B 145 3.29 24.62 -23.20
N GLY B 146 3.00 25.92 -23.18
CA GLY B 146 2.37 26.60 -22.03
C GLY B 146 1.07 25.92 -21.65
N SER B 147 0.27 25.59 -22.66
CA SER B 147 -1.04 24.90 -22.50
CA SER B 147 -1.04 24.90 -22.48
C SER B 147 -0.83 23.46 -21.99
N SER B 148 0.13 22.76 -22.57
CA SER B 148 0.52 21.40 -22.13
C SER B 148 0.87 21.43 -20.66
N VAL B 149 1.70 22.40 -20.25
CA VAL B 149 2.16 22.49 -18.83
C VAL B 149 0.96 22.80 -17.94
N ALA B 150 0.13 23.76 -18.34
CA ALA B 150 -1.08 24.19 -17.61
C ALA B 150 -2.01 23.00 -17.43
N ASN B 151 -2.25 22.24 -18.49
CA ASN B 151 -3.15 21.05 -18.47
C ASN B 151 -2.63 20.01 -17.47
N ILE B 152 -1.33 19.74 -17.50
CA ILE B 152 -0.77 18.68 -16.63
C ILE B 152 -0.85 19.15 -15.17
N ARG B 153 -0.45 20.38 -14.89
CA ARG B 153 -0.55 20.98 -13.55
C ARG B 153 -2.00 20.91 -13.04
N ALA B 154 -2.99 21.21 -13.89
CA ALA B 154 -4.43 21.14 -13.53
C ALA B 154 -4.83 19.71 -13.20
N ALA B 155 -4.37 18.71 -13.96
CA ALA B 155 -4.66 17.29 -13.71
C ALA B 155 -4.11 16.87 -12.35
N VAL B 156 -2.88 17.30 -12.01
CA VAL B 156 -2.27 17.00 -10.70
C VAL B 156 -3.11 17.70 -9.61
N GLN B 157 -3.47 18.96 -9.81
CA GLN B 157 -4.23 19.74 -8.79
C GLN B 157 -5.58 19.03 -8.56
N ARG B 158 -6.25 18.63 -9.65
CA ARG B 158 -7.59 17.99 -9.54
C ARG B 158 -7.47 16.63 -8.87
N LEU B 159 -6.45 15.83 -9.16
CA LEU B 159 -6.29 14.52 -8.51
C LEU B 159 -5.99 14.75 -7.02
N GLY B 160 -5.13 15.70 -6.69
CA GLY B 160 -4.78 16.01 -5.30
C GLY B 160 -6.01 16.46 -4.56
N GLU B 161 -6.81 17.28 -5.21
CA GLU B 161 -8.07 17.79 -4.65
C GLU B 161 -8.95 16.62 -4.21
N ALA B 162 -9.10 15.58 -5.04
CA ALA B 162 -9.88 14.37 -4.77
C ALA B 162 -9.24 13.51 -3.66
N GLY B 163 -7.96 13.73 -3.31
CA GLY B 163 -7.28 12.95 -2.26
C GLY B 163 -6.01 12.24 -2.74
N ALA B 164 -5.61 12.32 -4.01
CA ALA B 164 -4.30 11.75 -4.45
C ALA B 164 -3.20 12.47 -3.65
N ARG B 165 -2.19 11.74 -3.19
CA ARG B 165 -1.05 12.30 -2.41
C ARG B 165 0.31 11.95 -3.08
N ARG B 166 0.35 10.96 -3.95
CA ARG B 166 1.62 10.48 -4.53
C ARG B 166 1.54 10.56 -6.05
N PHE B 167 2.53 11.19 -6.67
CA PHE B 167 2.57 11.35 -8.14
C PHE B 167 3.95 11.03 -8.69
N LEU B 168 3.96 10.52 -9.91
CA LEU B 168 5.17 10.50 -10.75
CA LEU B 168 5.18 10.53 -10.75
C LEU B 168 4.80 11.13 -12.10
N VAL B 169 5.41 12.25 -12.42
CA VAL B 169 5.10 12.94 -13.69
C VAL B 169 6.31 12.77 -14.60
N VAL B 170 6.04 12.27 -15.80
CA VAL B 170 7.08 12.05 -16.82
C VAL B 170 7.23 13.31 -17.67
N SER B 171 8.48 13.70 -17.94
CA SER B 171 8.81 14.85 -18.83
C SER B 171 8.29 14.57 -20.22
N SER B 172 8.39 15.55 -21.11
CA SER B 172 8.33 15.29 -22.56
C SER B 172 9.40 14.26 -22.86
N THR B 173 9.07 13.28 -23.71
CA THR B 173 10.09 12.47 -24.41
C THR B 173 10.86 13.34 -25.42
N ASP B 174 11.96 12.80 -25.95
CA ASP B 174 12.77 13.48 -26.99
C ASP B 174 12.03 13.32 -28.31
N LEU B 175 11.04 14.17 -28.53
CA LEU B 175 10.24 14.24 -29.77
C LEU B 175 11.17 14.48 -30.95
N SER B 176 12.33 15.12 -30.72
CA SER B 176 13.27 15.55 -31.79
C SER B 176 13.91 14.37 -32.53
N VAL B 177 13.89 13.16 -31.98
CA VAL B 177 14.52 11.97 -32.64
C VAL B 177 13.42 11.00 -33.07
N VAL B 178 12.16 11.36 -32.89
CA VAL B 178 11.03 10.49 -33.31
C VAL B 178 11.10 10.36 -34.82
N PRO B 179 11.07 9.17 -35.42
CA PRO B 179 11.32 9.08 -36.87
C PRO B 179 10.35 9.95 -37.72
N ALA B 180 9.09 9.98 -37.34
CA ALA B 180 8.04 10.73 -38.06
C ALA B 180 8.38 12.22 -38.01
N VAL B 181 8.99 12.69 -36.93
CA VAL B 181 9.40 14.12 -36.78
C VAL B 181 10.60 14.40 -37.69
N VAL B 182 11.54 13.46 -37.72
CA VAL B 182 12.75 13.58 -38.59
C VAL B 182 12.28 13.62 -40.04
N ALA B 183 11.41 12.72 -40.46
CA ALA B 183 10.89 12.61 -41.84
C ALA B 183 10.07 13.87 -42.19
N GLY B 184 9.45 14.52 -41.19
CA GLY B 184 8.67 15.75 -41.41
C GLY B 184 9.54 16.99 -41.41
N ASN B 185 10.85 16.83 -41.23
CA ASN B 185 11.81 17.96 -41.15
C ASN B 185 11.38 18.91 -40.04
N ARG B 186 10.98 18.36 -38.89
CA ARG B 186 10.36 19.13 -37.78
C ARG B 186 11.20 18.97 -36.52
N VAL B 187 12.50 18.67 -36.67
CA VAL B 187 13.40 18.43 -35.52
C VAL B 187 13.47 19.69 -34.67
N GLU B 188 13.71 20.86 -35.27
CA GLU B 188 13.86 22.12 -34.50
C GLU B 188 12.57 22.48 -33.75
N ARG B 189 11.39 22.26 -34.36
CA ARG B 189 10.07 22.51 -33.72
C ARG B 189 9.91 21.59 -32.49
N ALA B 190 10.16 20.29 -32.65
CA ALA B 190 10.18 19.29 -31.56
C ALA B 190 11.13 19.74 -30.44
N GLN B 191 12.37 20.12 -30.77
CA GLN B 191 13.35 20.62 -29.76
C GLN B 191 12.74 21.80 -29.00
N ARG B 192 12.14 22.75 -29.69
CA ARG B 192 11.64 24.00 -29.06
C ARG B 192 10.46 23.65 -28.14
N TYR B 193 9.54 22.83 -28.63
CA TYR B 193 8.36 22.38 -27.85
C TYR B 193 8.86 21.68 -26.57
N LEU B 194 9.66 20.62 -26.73
CA LEU B 194 10.01 19.73 -25.59
C LEU B 194 10.84 20.50 -24.55
N GLN B 195 11.76 21.38 -24.97
CA GLN B 195 12.59 22.22 -24.07
C GLN B 195 11.69 23.16 -23.26
N ALA B 196 10.64 23.72 -23.87
CA ALA B 196 9.72 24.65 -23.19
C ALA B 196 8.86 23.90 -22.15
N VAL B 197 8.30 22.76 -22.51
CA VAL B 197 7.55 21.88 -21.56
C VAL B 197 8.49 21.48 -20.42
N ASN B 198 9.67 20.97 -20.73
CA ASN B 198 10.57 20.36 -19.72
C ASN B 198 11.21 21.42 -18.84
N ALA B 199 11.30 22.67 -19.30
CA ALA B 199 11.89 23.78 -18.50
C ALA B 199 10.84 24.20 -17.46
N SER B 200 9.59 24.30 -17.89
CA SER B 200 8.52 24.98 -17.13
C SER B 200 7.82 24.01 -16.18
N LEU B 201 7.45 22.83 -16.67
CA LEU B 201 6.60 21.88 -15.90
C LEU B 201 7.19 21.53 -14.52
N PRO B 202 8.49 21.17 -14.39
CA PRO B 202 8.99 20.79 -13.06
C PRO B 202 8.90 21.95 -12.06
N ILE B 203 9.04 23.20 -12.51
CA ILE B 203 8.90 24.41 -11.63
C ILE B 203 7.47 24.46 -11.11
N GLN B 204 6.48 24.28 -11.98
CA GLN B 204 5.05 24.34 -11.58
C GLN B 204 4.74 23.15 -10.66
N LEU B 205 5.30 21.98 -10.93
CA LEU B 205 4.98 20.81 -10.09
C LEU B 205 5.65 20.94 -8.71
N ALA B 206 6.81 21.59 -8.63
CA ALA B 206 7.51 21.88 -7.36
C ALA B 206 6.65 22.79 -6.48
N ALA B 207 6.07 23.86 -7.05
CA ALA B 207 5.18 24.79 -6.33
C ALA B 207 3.96 24.01 -5.81
N LEU B 208 3.36 23.16 -6.65
CA LEU B 208 2.17 22.35 -6.28
C LEU B 208 2.53 21.30 -5.21
N ARG B 209 3.66 20.61 -5.35
CA ARG B 209 4.17 19.62 -4.34
C ARG B 209 4.20 20.27 -2.96
N LYS B 210 4.76 21.48 -2.86
CA LYS B 210 5.00 22.20 -1.60
C LYS B 210 3.65 22.69 -1.02
N THR B 211 2.82 23.33 -1.83
CA THR B 211 1.50 23.84 -1.39
C THR B 211 0.70 22.70 -0.77
N ARG B 212 0.55 21.58 -1.45
CA ARG B 212 -0.35 20.49 -1.00
C ARG B 212 0.40 19.45 -0.15
N GLY B 213 1.69 19.64 0.12
CA GLY B 213 2.51 18.60 0.77
C GLY B 213 2.36 17.27 0.06
N LEU B 214 2.53 17.22 -1.27
CA LEU B 214 2.43 15.98 -2.07
C LEU B 214 3.79 15.29 -2.05
N GLU B 215 3.80 13.99 -2.33
CA GLU B 215 5.02 13.30 -2.82
C GLU B 215 4.94 13.33 -4.35
N LEU B 216 5.72 14.19 -4.97
CA LEU B 216 5.70 14.26 -6.45
C LEU B 216 7.09 14.02 -7.01
N SER B 217 7.25 12.95 -7.79
CA SER B 217 8.53 12.65 -8.43
CA SER B 217 8.50 12.53 -8.46
C SER B 217 8.46 13.04 -9.91
N TRP B 218 9.58 13.51 -10.43
CA TRP B 218 9.68 13.99 -11.83
C TRP B 218 10.64 13.06 -12.55
N PHE B 219 10.22 12.42 -13.63
CA PHE B 219 11.09 11.51 -14.40
C PHE B 219 11.52 12.23 -15.67
N ASP B 220 12.84 12.42 -15.81
CA ASP B 220 13.41 13.16 -16.96
C ASP B 220 13.70 12.14 -18.07
N HIS B 221 12.76 11.99 -18.98
CA HIS B 221 12.77 10.95 -20.03
C HIS B 221 13.83 11.33 -21.07
N LEU B 222 14.11 12.62 -21.17
CA LEU B 222 15.10 13.16 -22.12
C LEU B 222 16.50 12.76 -21.65
N THR B 223 16.82 12.90 -20.35
CA THR B 223 18.15 12.49 -19.83
C THR B 223 18.27 10.99 -20.03
N PHE B 224 17.20 10.27 -19.70
CA PHE B 224 17.14 8.82 -19.89
C PHE B 224 17.50 8.44 -21.34
N SER B 225 16.84 9.05 -22.33
CA SER B 225 17.00 8.66 -23.75
C SER B 225 18.39 9.09 -24.24
N ARG B 226 18.86 10.25 -23.81
CA ARG B 226 20.19 10.74 -24.21
C ARG B 226 21.26 9.73 -23.76
N HIS B 227 21.19 9.27 -22.51
CA HIS B 227 22.15 8.27 -21.96
C HIS B 227 22.08 6.99 -22.80
N LEU B 228 20.88 6.52 -23.18
CA LEU B 228 20.73 5.29 -24.01
C LEU B 228 21.37 5.51 -25.38
N ARG B 229 21.10 6.67 -25.98
CA ARG B 229 21.40 6.91 -27.42
C ARG B 229 22.88 7.29 -27.59
N ARG B 230 23.52 7.74 -26.52
CA ARG B 230 24.97 8.05 -26.53
C ARG B 230 25.78 6.75 -26.38
N ASN B 231 25.24 5.71 -25.76
CA ASN B 231 25.97 4.45 -25.50
C ASN B 231 25.12 3.23 -25.87
N PRO B 232 24.62 3.13 -27.12
CA PRO B 232 23.65 2.09 -27.44
C PRO B 232 24.16 0.66 -27.17
N ALA B 233 25.45 0.42 -27.45
CA ALA B 233 26.06 -0.93 -27.37
C ALA B 233 25.96 -1.44 -25.93
N ARG B 234 26.19 -0.58 -24.96
CA ARG B 234 26.02 -0.87 -23.52
C ARG B 234 24.68 -1.57 -23.29
N TYR B 235 23.65 -1.20 -24.04
CA TYR B 235 22.24 -1.60 -23.79
C TYR B 235 21.82 -2.65 -24.82
N GLY B 236 22.74 -3.04 -25.71
CA GLY B 236 22.48 -4.01 -26.78
C GLY B 236 21.66 -3.42 -27.92
N LEU B 237 21.65 -2.09 -28.03
CA LEU B 237 20.91 -1.40 -29.13
C LEU B 237 21.87 -1.15 -30.28
N VAL B 238 21.38 -1.31 -31.52
CA VAL B 238 22.18 -1.15 -32.77
C VAL B 238 21.56 -0.06 -33.65
N GLU B 239 20.24 -0.07 -33.82
CA GLU B 239 19.54 0.85 -34.76
C GLU B 239 18.70 1.86 -33.97
N LEU B 240 19.19 3.10 -33.90
CA LEU B 240 18.59 4.19 -33.11
C LEU B 240 17.51 4.96 -33.90
N ASP B 241 17.44 4.84 -35.23
CA ASP B 241 16.65 5.82 -36.03
C ASP B 241 15.62 5.13 -36.93
N ALA B 242 15.91 3.97 -37.47
CA ALA B 242 14.98 3.26 -38.38
C ALA B 242 13.91 2.53 -37.56
N PRO B 243 12.62 2.65 -37.92
CA PRO B 243 11.60 1.81 -37.30
C PRO B 243 11.91 0.34 -37.59
N CYS B 244 11.89 -0.51 -36.57
CA CYS B 244 11.87 -1.99 -36.75
C CYS B 244 10.66 -2.38 -37.60
N GLN B 245 9.55 -1.66 -37.45
CA GLN B 245 8.23 -2.01 -38.05
C GLN B 245 7.70 -0.78 -38.79
N PRO B 246 8.18 -0.52 -40.02
CA PRO B 246 7.69 0.59 -40.84
C PRO B 246 6.19 0.49 -41.11
N THR B 247 5.48 1.62 -41.04
CA THR B 247 4.04 1.72 -41.41
C THR B 247 3.83 2.84 -42.43
N GLN B 248 4.87 3.60 -42.78
CA GLN B 248 4.75 4.84 -43.60
C GLN B 248 5.71 4.75 -44.79
N PRO B 249 5.24 4.95 -46.05
CA PRO B 249 3.84 5.24 -46.35
C PRO B 249 2.89 4.06 -46.07
N SER B 250 3.41 2.83 -46.09
CA SER B 250 2.61 1.59 -45.89
C SER B 250 3.38 0.58 -45.03
N VAL B 251 2.65 -0.39 -44.49
CA VAL B 251 3.18 -1.48 -43.63
C VAL B 251 4.17 -2.29 -44.48
N ARG B 252 5.34 -2.56 -43.91
CA ARG B 252 6.40 -3.42 -44.49
C ARG B 252 6.81 -4.44 -43.42
N PRO B 253 7.57 -5.51 -43.79
CA PRO B 253 7.97 -6.53 -42.82
C PRO B 253 8.81 -5.95 -41.68
N ALA B 254 8.64 -6.47 -40.46
CA ALA B 254 9.38 -6.07 -39.25
C ALA B 254 10.85 -6.52 -39.37
N CYS B 255 11.75 -5.79 -38.74
CA CYS B 255 13.19 -6.13 -38.61
C CYS B 255 13.33 -7.46 -37.85
N ALA B 256 14.48 -8.13 -37.99
CA ALA B 256 14.74 -9.49 -37.46
C ALA B 256 14.93 -9.46 -35.94
N ASN B 257 15.55 -8.41 -35.41
CA ASN B 257 16.12 -8.34 -34.05
C ASN B 257 15.56 -7.10 -33.34
N PRO B 258 14.24 -7.06 -33.04
CA PRO B 258 13.62 -5.86 -32.47
C PRO B 258 14.19 -5.33 -31.13
N ASP B 259 14.90 -6.17 -30.38
CA ASP B 259 15.52 -5.74 -29.10
C ASP B 259 16.80 -4.97 -29.39
N GLN B 260 17.24 -4.89 -30.66
CA GLN B 260 18.40 -4.08 -31.05
C GLN B 260 17.92 -2.73 -31.58
N TYR B 261 16.61 -2.51 -31.64
CA TYR B 261 15.99 -1.30 -32.24
C TYR B 261 15.45 -0.42 -31.13
N TYR B 262 15.64 0.88 -31.28
CA TYR B 262 15.04 1.92 -30.40
C TYR B 262 13.56 2.10 -30.75
N PHE B 263 13.22 2.27 -32.02
CA PHE B 263 11.84 2.59 -32.46
C PHE B 263 11.18 1.35 -33.02
N TRP B 264 9.95 1.12 -32.60
CA TRP B 264 9.08 0.07 -33.18
C TRP B 264 8.49 0.57 -34.51
N ASP B 265 7.63 1.58 -34.47
CA ASP B 265 7.09 2.25 -35.67
C ASP B 265 7.64 3.69 -35.71
N GLU B 266 6.97 4.61 -36.40
CA GLU B 266 7.53 5.97 -36.68
C GLU B 266 7.39 6.89 -35.47
N TRP B 267 6.70 6.47 -34.40
CA TRP B 267 6.43 7.34 -33.23
C TRP B 267 6.81 6.65 -31.91
N HIS B 268 6.83 5.32 -31.85
CA HIS B 268 6.83 4.63 -30.54
C HIS B 268 8.09 3.81 -30.34
N PRO B 269 8.65 3.80 -29.11
CA PRO B 269 9.80 2.96 -28.82
C PRO B 269 9.38 1.47 -28.76
N THR B 270 10.39 0.61 -28.88
CA THR B 270 10.25 -0.84 -28.83
C THR B 270 10.06 -1.29 -27.38
N ARG B 271 9.60 -2.51 -27.17
CA ARG B 271 9.47 -3.05 -25.80
C ARG B 271 10.81 -2.96 -25.05
N ARG B 272 11.95 -3.06 -25.74
CA ARG B 272 13.28 -3.03 -25.09
C ARG B 272 13.51 -1.63 -24.51
N VAL B 273 13.17 -0.59 -25.24
CA VAL B 273 13.33 0.79 -24.70
C VAL B 273 12.34 1.01 -23.56
N HIS B 274 11.08 0.60 -23.72
CA HIS B 274 10.03 0.64 -22.68
C HIS B 274 10.53 -0.10 -21.43
N GLN B 275 11.17 -1.27 -21.61
CA GLN B 275 11.70 -2.06 -20.46
CA GLN B 275 11.74 -2.08 -20.50
C GLN B 275 12.75 -1.21 -19.75
N LEU B 276 13.67 -0.61 -20.50
CA LEU B 276 14.74 0.22 -19.89
C LEU B 276 14.14 1.44 -19.19
N ALA B 277 13.12 2.06 -19.79
CA ALA B 277 12.49 3.26 -19.24
C ALA B 277 11.78 2.91 -17.92
N GLY B 278 11.07 1.79 -17.89
CA GLY B 278 10.34 1.38 -16.68
C GLY B 278 11.30 1.06 -15.55
N GLU B 279 12.38 0.39 -15.87
CA GLU B 279 13.47 0.14 -14.91
C GLU B 279 14.00 1.49 -14.38
N ALA B 280 14.23 2.47 -15.24
CA ALA B 280 14.78 3.79 -14.85
C ALA B 280 13.76 4.59 -14.00
N MET B 281 12.49 4.52 -14.34
CA MET B 281 11.43 5.21 -13.57
C MET B 281 11.34 4.63 -12.14
N ALA B 282 11.63 3.35 -11.99
CA ALA B 282 11.54 2.62 -10.68
C ALA B 282 12.64 3.11 -9.72
N ALA B 283 13.66 3.82 -10.22
CA ALA B 283 14.90 4.15 -9.49
C ALA B 283 14.59 4.98 -8.24
N ARG B 284 13.48 5.71 -8.16
CA ARG B 284 13.32 6.65 -7.02
C ARG B 284 12.64 5.94 -5.84
N TYR B 285 12.17 4.70 -6.03
CA TYR B 285 11.26 4.00 -5.09
C TYR B 285 11.94 2.74 -4.53
N ALA B 286 11.73 2.49 -3.25
CA ALA B 286 12.01 1.19 -2.63
C ALA B 286 11.06 0.14 -3.22
N ARG B 287 11.51 -1.10 -3.39
CA ARG B 287 10.59 -2.21 -3.74
C ARG B 287 9.82 -2.64 -2.49
C1 GOL C . -5.81 -14.74 35.89
O1 GOL C . -5.97 -15.97 35.18
C2 GOL C . -4.71 -14.85 36.91
O2 GOL C . -3.48 -14.95 36.22
C3 GOL C . -4.67 -13.70 37.91
O3 GOL C . -5.70 -13.83 38.89
BR BR D . -3.18 -14.38 26.07
BR BR E . -3.76 0.83 37.20
BR BR F . 11.78 3.46 30.72
BR BR G . -11.80 -16.94 37.40
BR BR H . 11.64 -11.79 34.29
BR BR I . 8.59 -14.52 27.75
BR BR J . 8.84 -17.06 26.68
BR BR K . 4.37 4.35 3.99
C1 GOL L . 4.91 13.18 -36.91
O1 GOL L . 3.68 12.47 -36.98
C2 GOL L . 4.66 14.66 -37.05
O2 GOL L . 3.88 15.08 -35.94
C3 GOL L . 5.93 15.48 -37.18
O3 GOL L . 6.31 15.62 -38.55
BR BR M . 0.19 9.61 -28.34
BR BR N . 16.38 19.15 -27.53
BR BR O . 6.89 9.14 -41.23
BR BR P . -2.42 26.53 -27.27
BR BR Q . -5.33 19.55 -25.38
BR BR R . -7.78 18.67 -25.91
BR BR S . 18.03 11.29 -5.74
#